data_8FRH
#
_entry.id   8FRH
#
_cell.length_a   127.930
_cell.length_b   127.930
_cell.length_c   104.522
_cell.angle_alpha   90.000
_cell.angle_beta   90.000
_cell.angle_gamma   120.000
#
_symmetry.space_group_name_H-M   'P 31 2 1'
#
loop_
_entity.id
_entity.type
_entity.pdbx_description
1 polymer 'Melibiose permease'
2 non-polymer 'PENTAETHYLENE GLYCOL'
#
_entity_poly.entity_id   1
_entity_poly.type   'polypeptide(L)'
_entity_poly.pdbx_seq_one_letter_code
;SISMTTKLSYGFGAFGKDFAIGIVYMYLMYYYTDVVGLSVGLVGTLFLVARIWDAINCPIMGWIVNATRSRWGKFKPWIL
IGTLTNSLVLFLLFSAHLFEGTAQVVFVCVTYILWGMTYTIMDIPFWSLVPTITLDKREREQLVPFPRFFASLAGFVTAG
ITLPFVSYVGGADRGFGFQMFTLVLIAFFIASTIVTLRNVHEVYSSDNGVTAGRPHLTLKTIVGLIYKNDQLSCLLGMAL
AYNIASNIINGFAIYYFTYVIGDADLFPYYLSYAGAANLLTLIVFPRLVKMLSRRILWAGASVMPVLSCAGLFAMALADI
HNAALIVAAGIFLNIGTALFWVLQVIMVADTVDYGEFKLNIRCESIAYSVQTMVVKGGSAFAAFFIALVLGLIGYTPNVA
QSAQTLQGMQFIMIVLPVLFFMMTLVLYFRYYRLNGDMLRKIQIHLLDKYRKTPPFVEQPDSPAISVVATSDVKAHHHHH
HHHHH
;
_entity_poly.pdbx_strand_id   A
#
loop_
_chem_comp.id
_chem_comp.type
_chem_comp.name
_chem_comp.formula
1PE non-polymer 'PENTAETHYLENE GLYCOL' 'C10 H22 O6'
#
# COMPACT_ATOMS: atom_id res chain seq x y z
N SER A 1 23.42 -14.89 -7.11
CA SER A 1 22.67 -13.64 -7.00
C SER A 1 21.32 -13.75 -7.67
N ILE A 2 20.48 -12.75 -7.49
CA ILE A 2 19.17 -12.73 -8.13
C ILE A 2 19.33 -12.43 -9.60
N SER A 3 18.65 -13.20 -10.44
CA SER A 3 18.67 -12.95 -11.88
C SER A 3 18.15 -11.54 -12.18
N MET A 4 18.98 -10.74 -12.84
CA MET A 4 18.54 -9.41 -13.27
C MET A 4 17.23 -9.50 -14.03
N THR A 5 17.07 -10.55 -14.83
CA THR A 5 15.80 -10.76 -15.53
C THR A 5 14.64 -10.84 -14.55
N THR A 6 14.80 -11.64 -13.49
CA THR A 6 13.74 -11.74 -12.49
C THR A 6 13.52 -10.42 -11.77
N LYS A 7 14.59 -9.66 -11.52
CA LYS A 7 14.43 -8.34 -10.90
C LYS A 7 13.55 -7.44 -11.76
N LEU A 8 13.90 -7.27 -13.04
CA LEU A 8 13.12 -6.37 -13.89
C LEU A 8 11.73 -6.90 -14.17
N SER A 9 11.55 -8.22 -14.22
CA SER A 9 10.21 -8.76 -14.45
C SER A 9 9.32 -8.56 -13.24
N TYR A 10 9.86 -8.72 -12.03
CA TYR A 10 9.13 -8.37 -10.82
C TYR A 10 8.79 -6.89 -10.80
N GLY A 11 9.73 -6.05 -11.23
CA GLY A 11 9.46 -4.63 -11.33
C GLY A 11 8.30 -4.33 -12.25
N PHE A 12 8.30 -4.93 -13.44
CA PHE A 12 7.22 -4.70 -14.39
C PHE A 12 5.90 -5.25 -13.85
N GLY A 13 5.94 -6.40 -13.17
CA GLY A 13 4.73 -6.93 -12.57
C GLY A 13 4.14 -5.98 -11.56
N ALA A 14 4.99 -5.42 -10.69
CA ALA A 14 4.50 -4.45 -9.72
C ALA A 14 4.00 -3.19 -10.41
N PHE A 15 4.66 -2.79 -11.51
CA PHE A 15 4.18 -1.63 -12.26
C PHE A 15 2.75 -1.85 -12.71
N GLY A 16 2.50 -2.98 -13.39
CA GLY A 16 1.14 -3.25 -13.85
C GLY A 16 0.15 -3.35 -12.69
N LYS A 17 0.55 -4.06 -11.62
CA LYS A 17 -0.31 -4.23 -10.47
C LYS A 17 -0.78 -2.88 -9.92
N ASP A 18 0.15 -1.95 -9.72
CA ASP A 18 -0.21 -0.66 -9.14
C ASP A 18 -0.79 0.31 -10.17
N PHE A 19 -0.48 0.13 -11.46
CA PHE A 19 -1.10 0.95 -12.50
C PHE A 19 -2.57 0.62 -12.64
N ALA A 20 -2.95 -0.63 -12.32
CA ALA A 20 -4.35 -1.01 -12.38
C ALA A 20 -5.18 -0.41 -11.26
N ILE A 21 -4.55 0.10 -10.21
CA ILE A 21 -5.27 0.62 -9.05
C ILE A 21 -5.03 2.10 -8.80
N GLY A 22 -4.02 2.71 -9.44
CA GLY A 22 -3.81 4.13 -9.26
C GLY A 22 -5.00 4.95 -9.68
N ILE A 23 -5.57 4.62 -10.84
CA ILE A 23 -6.74 5.36 -11.33
C ILE A 23 -7.86 5.31 -10.31
N VAL A 24 -8.11 4.14 -9.73
CA VAL A 24 -9.15 3.99 -8.72
C VAL A 24 -8.82 4.89 -7.55
N TYR A 25 -7.71 4.59 -6.86
CA TYR A 25 -7.37 5.31 -5.65
C TYR A 25 -7.40 6.81 -5.84
N MET A 26 -7.10 7.30 -7.04
CA MET A 26 -6.90 8.73 -7.27
C MET A 26 -8.13 9.44 -7.81
N TYR A 27 -9.01 8.76 -8.55
CA TYR A 27 -10.11 9.44 -9.22
C TYR A 27 -11.44 8.71 -9.11
N LEU A 28 -11.57 7.68 -8.27
CA LEU A 28 -12.85 6.99 -8.19
C LEU A 28 -13.91 7.89 -7.56
N MET A 29 -13.54 8.64 -6.52
CA MET A 29 -14.47 9.61 -5.96
C MET A 29 -14.85 10.66 -6.98
N TYR A 30 -13.86 11.16 -7.73
CA TYR A 30 -14.16 12.18 -8.74
C TYR A 30 -15.08 11.63 -9.82
N TYR A 31 -14.91 10.37 -10.19
CA TYR A 31 -15.78 9.77 -11.19
C TYR A 31 -17.19 9.58 -10.64
N TYR A 32 -17.31 9.04 -9.43
CA TYR A 32 -18.60 8.74 -8.85
C TYR A 32 -19.38 10.01 -8.49
N THR A 33 -18.70 11.13 -8.24
CA THR A 33 -19.38 12.36 -7.87
C THR A 33 -19.50 13.36 -9.01
N ASP A 34 -18.63 13.28 -10.02
CA ASP A 34 -18.57 14.24 -11.11
C ASP A 34 -19.03 13.66 -12.44
N VAL A 35 -19.20 12.34 -12.53
CA VAL A 35 -19.66 11.70 -13.75
C VAL A 35 -20.93 10.87 -13.50
N VAL A 36 -21.05 10.29 -12.32
CA VAL A 36 -22.22 9.51 -11.93
C VAL A 36 -23.23 10.34 -11.17
N GLY A 37 -22.76 11.10 -10.19
CA GLY A 37 -23.63 11.96 -9.41
C GLY A 37 -24.19 11.28 -8.17
N LEU A 38 -23.31 10.80 -7.30
CA LEU A 38 -23.71 10.12 -6.07
C LEU A 38 -23.36 10.97 -4.87
N SER A 39 -24.21 10.90 -3.84
CA SER A 39 -24.01 11.69 -2.64
C SER A 39 -22.66 11.37 -2.01
N VAL A 40 -21.92 12.42 -1.65
CA VAL A 40 -20.60 12.24 -1.05
C VAL A 40 -20.69 11.35 0.18
N GLY A 41 -21.76 11.51 0.96
CA GLY A 41 -21.96 10.65 2.12
C GLY A 41 -22.00 9.19 1.73
N LEU A 42 -22.76 8.87 0.67
CA LEU A 42 -22.83 7.49 0.21
C LEU A 42 -21.46 6.98 -0.22
N VAL A 43 -20.74 7.80 -0.99
CA VAL A 43 -19.42 7.38 -1.48
C VAL A 43 -18.49 7.09 -0.31
N GLY A 44 -18.46 8.00 0.68
CA GLY A 44 -17.56 7.81 1.80
C GLY A 44 -17.92 6.61 2.65
N THR A 45 -19.22 6.45 2.94
CA THR A 45 -19.65 5.29 3.71
C THR A 45 -19.29 3.99 2.99
N LEU A 46 -19.52 3.96 1.67
CA LEU A 46 -19.17 2.77 0.90
C LEU A 46 -17.67 2.51 0.97
N PHE A 47 -16.87 3.56 0.80
CA PHE A 47 -15.42 3.39 0.82
C PHE A 47 -14.95 2.82 2.16
N LEU A 48 -15.45 3.38 3.26
CA LEU A 48 -15.03 2.91 4.58
C LEU A 48 -15.50 1.49 4.85
N VAL A 49 -16.77 1.20 4.54
CA VAL A 49 -17.30 -0.15 4.77
C VAL A 49 -16.51 -1.16 3.94
N ALA A 50 -16.17 -0.80 2.71
CA ALA A 50 -15.44 -1.72 1.84
C ALA A 50 -14.02 -1.94 2.32
N ARG A 51 -13.37 -0.89 2.83
CA ARG A 51 -12.02 -1.08 3.36
C ARG A 51 -12.05 -1.96 4.61
N ILE A 52 -13.07 -1.81 5.45
CA ILE A 52 -13.22 -2.72 6.60
C ILE A 52 -13.39 -4.15 6.11
N TRP A 53 -14.27 -4.35 5.13
CA TRP A 53 -14.52 -5.70 4.62
C TRP A 53 -13.26 -6.30 4.01
N ASP A 54 -12.45 -5.47 3.35
CA ASP A 54 -11.21 -5.97 2.75
C ASP A 54 -10.20 -6.35 3.83
N ALA A 55 -10.05 -5.51 4.85
CA ALA A 55 -9.16 -5.86 5.96
C ALA A 55 -9.59 -7.17 6.62
N ILE A 56 -10.90 -7.41 6.69
CA ILE A 56 -11.38 -8.66 7.26
C ILE A 56 -11.09 -9.82 6.32
N ASN A 57 -11.33 -9.62 5.02
CA ASN A 57 -11.15 -10.69 4.05
C ASN A 57 -9.69 -11.04 3.82
N CYS A 58 -8.77 -10.14 4.19
CA CYS A 58 -7.35 -10.39 3.96
C CYS A 58 -6.87 -11.70 4.58
N PRO A 59 -6.98 -11.91 5.89
CA PRO A 59 -6.58 -13.21 6.47
C PRO A 59 -7.24 -14.40 5.80
N ILE A 60 -8.48 -14.23 5.34
CA ILE A 60 -9.15 -15.32 4.63
C ILE A 60 -8.39 -15.65 3.35
N MET A 61 -8.01 -14.61 2.60
CA MET A 61 -7.25 -14.85 1.38
C MET A 61 -5.88 -15.46 1.69
N GLY A 62 -5.27 -15.07 2.82
CA GLY A 62 -4.02 -15.70 3.21
C GLY A 62 -4.19 -17.19 3.47
N TRP A 63 -5.23 -17.55 4.23
CA TRP A 63 -5.52 -18.96 4.46
C TRP A 63 -5.78 -19.69 3.16
N ILE A 64 -6.43 -19.03 2.21
CA ILE A 64 -6.69 -19.65 0.91
C ILE A 64 -5.38 -19.90 0.17
N VAL A 65 -4.50 -18.90 0.15
CA VAL A 65 -3.25 -19.03 -0.60
C VAL A 65 -2.33 -20.05 0.06
N ASN A 66 -2.44 -20.24 1.37
CA ASN A 66 -1.56 -21.19 2.04
C ASN A 66 -2.01 -22.64 1.84
N ALA A 67 -3.32 -22.88 1.75
CA ALA A 67 -3.86 -24.22 1.63
C ALA A 67 -4.06 -24.66 0.19
N THR A 68 -3.64 -23.85 -0.78
CA THR A 68 -3.85 -24.17 -2.19
C THR A 68 -2.68 -25.00 -2.73
N ARG A 69 -3.00 -26.02 -3.50
CA ARG A 69 -2.02 -26.87 -4.16
C ARG A 69 -2.30 -26.88 -5.65
N SER A 70 -1.29 -26.51 -6.44
CA SER A 70 -1.47 -26.34 -7.88
C SER A 70 -0.13 -26.56 -8.58
N ARG A 71 -0.19 -26.71 -9.90
CA ARG A 71 1.00 -26.98 -10.70
C ARG A 71 1.95 -25.79 -10.70
N TRP A 72 1.46 -24.62 -11.12
CA TRP A 72 2.32 -23.43 -11.22
C TRP A 72 2.89 -23.02 -9.87
N GLY A 73 2.29 -23.48 -8.78
CA GLY A 73 2.66 -23.12 -7.44
C GLY A 73 1.43 -22.78 -6.64
N LYS A 74 1.65 -22.25 -5.44
CA LYS A 74 0.55 -21.85 -4.58
C LYS A 74 0.27 -20.35 -4.62
N PHE A 75 1.16 -19.57 -5.25
CA PHE A 75 0.95 -18.13 -5.43
C PHE A 75 0.60 -17.74 -6.85
N LYS A 76 1.21 -18.38 -7.84
CA LYS A 76 1.02 -17.97 -9.23
C LYS A 76 -0.43 -18.12 -9.69
N PRO A 77 -1.12 -19.23 -9.43
CA PRO A 77 -2.50 -19.35 -9.92
C PRO A 77 -3.43 -18.29 -9.34
N TRP A 78 -3.35 -18.05 -8.03
CA TRP A 78 -4.18 -17.00 -7.44
C TRP A 78 -3.81 -15.63 -7.98
N ILE A 79 -2.53 -15.41 -8.30
CA ILE A 79 -2.13 -14.15 -8.91
C ILE A 79 -2.83 -13.97 -10.25
N LEU A 80 -2.76 -15.00 -11.10
CA LEU A 80 -3.40 -14.91 -12.41
C LEU A 80 -4.90 -14.68 -12.26
N ILE A 81 -5.56 -15.46 -11.39
CA ILE A 81 -7.00 -15.33 -11.19
C ILE A 81 -7.33 -13.91 -10.73
N GLY A 82 -6.59 -13.41 -9.75
CA GLY A 82 -6.84 -12.08 -9.24
C GLY A 82 -6.67 -11.01 -10.30
N THR A 83 -5.60 -11.09 -11.09
CA THR A 83 -5.37 -10.09 -12.12
C THR A 83 -6.52 -10.07 -13.12
N LEU A 84 -6.90 -11.24 -13.63
CA LEU A 84 -7.97 -11.28 -14.63
C LEU A 84 -9.28 -10.76 -14.04
N THR A 85 -9.71 -11.34 -12.91
CA THR A 85 -10.98 -10.95 -12.32
C THR A 85 -10.98 -9.48 -11.93
N ASN A 86 -9.83 -8.95 -11.52
CA ASN A 86 -9.78 -7.54 -11.13
C ASN A 86 -9.85 -6.63 -12.35
N SER A 87 -9.21 -7.01 -13.45
CA SER A 87 -9.37 -6.26 -14.69
C SER A 87 -10.84 -6.19 -15.10
N LEU A 88 -11.51 -7.33 -15.10
CA LEU A 88 -12.92 -7.35 -15.49
C LEU A 88 -13.76 -6.49 -14.55
N VAL A 89 -13.57 -6.67 -13.25
CA VAL A 89 -14.38 -5.95 -12.28
C VAL A 89 -14.06 -4.45 -12.33
N LEU A 90 -12.85 -4.09 -12.73
CA LEU A 90 -12.50 -2.67 -12.88
C LEU A 90 -13.24 -2.06 -14.05
N PHE A 91 -13.24 -2.74 -15.19
CA PHE A 91 -14.02 -2.25 -16.32
C PHE A 91 -15.48 -2.08 -15.93
N LEU A 92 -16.05 -3.07 -15.26
CA LEU A 92 -17.41 -2.93 -14.77
C LEU A 92 -17.54 -1.75 -13.80
N LEU A 93 -16.53 -1.57 -12.94
CA LEU A 93 -16.54 -0.50 -11.96
C LEU A 93 -16.71 0.85 -12.63
N PHE A 94 -15.92 1.12 -13.66
CA PHE A 94 -15.96 2.40 -14.35
C PHE A 94 -16.97 2.43 -15.49
N SER A 95 -17.71 1.34 -15.70
CA SER A 95 -18.88 1.37 -16.57
C SER A 95 -20.16 1.72 -15.80
N ALA A 96 -20.04 2.27 -14.59
CA ALA A 96 -21.22 2.57 -13.78
C ALA A 96 -22.02 3.74 -14.33
N HIS A 97 -21.43 4.55 -15.21
CA HIS A 97 -22.10 5.72 -15.74
C HIS A 97 -23.28 5.38 -16.64
N LEU A 98 -23.53 4.10 -16.92
CA LEU A 98 -24.58 3.71 -17.86
C LEU A 98 -25.94 3.57 -17.18
N PHE A 99 -25.97 3.00 -15.98
CA PHE A 99 -27.23 2.73 -15.30
C PHE A 99 -27.75 3.99 -14.62
N GLU A 100 -28.94 3.88 -14.02
CA GLU A 100 -29.53 4.99 -13.28
C GLU A 100 -30.41 4.42 -12.17
N GLY A 101 -30.64 5.26 -11.16
CA GLY A 101 -31.54 4.89 -10.09
C GLY A 101 -30.95 3.81 -9.18
N THR A 102 -31.87 3.11 -8.50
CA THR A 102 -31.46 2.04 -7.60
C THR A 102 -30.56 1.04 -8.30
N ALA A 103 -30.85 0.76 -9.58
CA ALA A 103 -29.99 -0.14 -10.34
C ALA A 103 -28.56 0.37 -10.38
N GLN A 104 -28.38 1.68 -10.61
CA GLN A 104 -27.04 2.25 -10.64
C GLN A 104 -26.34 2.11 -9.30
N VAL A 105 -27.07 2.36 -8.21
CA VAL A 105 -26.47 2.28 -6.88
C VAL A 105 -26.01 0.87 -6.59
N VAL A 106 -26.88 -0.11 -6.87
CA VAL A 106 -26.52 -1.51 -6.66
C VAL A 106 -25.30 -1.87 -7.50
N PHE A 107 -25.30 -1.47 -8.77
CA PHE A 107 -24.17 -1.76 -9.65
C PHE A 107 -22.88 -1.21 -9.08
N VAL A 108 -22.90 0.07 -8.68
CA VAL A 108 -21.70 0.71 -8.15
C VAL A 108 -21.20 -0.03 -6.93
N CYS A 109 -22.10 -0.31 -5.98
CA CYS A 109 -21.68 -0.97 -4.74
C CYS A 109 -21.08 -2.34 -5.01
N VAL A 110 -21.78 -3.16 -5.82
CA VAL A 110 -21.31 -4.50 -6.11
C VAL A 110 -19.95 -4.44 -6.80
N THR A 111 -19.84 -3.62 -7.85
CA THR A 111 -18.58 -3.53 -8.58
C THR A 111 -17.45 -3.09 -7.66
N TYR A 112 -17.71 -2.14 -6.77
CA TYR A 112 -16.64 -1.64 -5.91
C TYR A 112 -16.15 -2.72 -4.95
N ILE A 113 -17.07 -3.39 -4.25
CA ILE A 113 -16.63 -4.39 -3.29
C ILE A 113 -15.94 -5.55 -4.01
N LEU A 114 -16.46 -5.90 -5.19
CA LEU A 114 -15.81 -6.95 -5.99
C LEU A 114 -14.40 -6.54 -6.38
N TRP A 115 -14.22 -5.29 -6.80
CA TRP A 115 -12.90 -4.81 -7.17
C TRP A 115 -11.95 -4.94 -5.99
N GLY A 116 -12.40 -4.53 -4.81
CA GLY A 116 -11.54 -4.62 -3.63
C GLY A 116 -11.12 -6.05 -3.34
N MET A 117 -12.09 -6.96 -3.31
CA MET A 117 -11.78 -8.35 -2.99
C MET A 117 -10.84 -8.95 -4.04
N THR A 118 -11.07 -8.65 -5.33
CA THR A 118 -10.22 -9.16 -6.39
C THR A 118 -8.79 -8.65 -6.26
N TYR A 119 -8.64 -7.35 -5.98
CA TYR A 119 -7.30 -6.82 -5.80
C TYR A 119 -6.61 -7.46 -4.61
N THR A 120 -7.36 -7.83 -3.57
CA THR A 120 -6.75 -8.57 -2.46
C THR A 120 -6.23 -9.93 -2.93
N ILE A 121 -7.08 -10.68 -3.64
CA ILE A 121 -6.72 -11.95 -4.24
C ILE A 121 -5.36 -11.79 -4.93
N MET A 122 -5.26 -10.76 -5.78
CA MET A 122 -4.05 -10.55 -6.56
C MET A 122 -2.87 -10.16 -5.67
N ASP A 123 -3.10 -9.20 -4.77
CA ASP A 123 -2.01 -8.53 -4.08
C ASP A 123 -1.28 -9.47 -3.14
N ILE A 124 -2.02 -10.22 -2.32
CA ILE A 124 -1.36 -10.97 -1.25
C ILE A 124 -0.29 -11.89 -1.82
N PRO A 125 -0.61 -12.82 -2.73
CA PRO A 125 0.43 -13.74 -3.21
C PRO A 125 1.55 -13.08 -4.01
N PHE A 126 1.24 -12.00 -4.74
CA PHE A 126 2.28 -11.31 -5.51
C PHE A 126 3.44 -10.91 -4.61
N TRP A 127 3.16 -10.18 -3.53
CA TRP A 127 4.21 -9.81 -2.59
C TRP A 127 4.69 -11.01 -1.80
N SER A 128 3.83 -12.03 -1.61
CA SER A 128 4.27 -13.24 -0.94
C SER A 128 5.35 -13.99 -1.71
N LEU A 129 5.52 -13.67 -2.99
CA LEU A 129 6.62 -14.29 -3.74
C LEU A 129 7.99 -13.83 -3.27
N VAL A 130 8.11 -12.65 -2.66
CA VAL A 130 9.41 -12.06 -2.34
C VAL A 130 10.25 -13.04 -1.52
N PRO A 131 9.78 -13.50 -0.36
CA PRO A 131 10.62 -14.37 0.47
C PRO A 131 11.04 -15.65 -0.24
N THR A 132 10.35 -16.02 -1.32
CA THR A 132 10.73 -17.21 -2.07
C THR A 132 11.94 -16.93 -2.96
N ILE A 133 11.98 -15.74 -3.57
CA ILE A 133 13.05 -15.45 -4.53
C ILE A 133 14.41 -15.49 -3.85
N THR A 134 14.51 -14.99 -2.62
CA THR A 134 15.78 -14.92 -1.91
C THR A 134 15.52 -14.79 -0.42
N LEU A 135 16.46 -15.31 0.38
CA LEU A 135 16.40 -15.22 1.83
C LEU A 135 17.71 -14.67 2.38
N ASP A 136 18.27 -13.67 1.69
CA ASP A 136 19.52 -13.02 2.03
C ASP A 136 19.29 -11.52 2.23
N LYS A 137 20.16 -10.90 3.02
CA LYS A 137 19.99 -9.51 3.40
C LYS A 137 20.16 -8.56 2.22
N ARG A 138 21.37 -8.45 1.68
CA ARG A 138 21.63 -7.47 0.62
C ARG A 138 20.87 -7.82 -0.65
N GLU A 139 20.65 -9.11 -0.91
CA GLU A 139 19.88 -9.49 -2.09
C GLU A 139 18.45 -8.96 -1.98
N ARG A 140 17.83 -9.09 -0.81
CA ARG A 140 16.50 -8.51 -0.61
C ARG A 140 16.55 -6.99 -0.72
N GLU A 141 17.59 -6.38 -0.15
CA GLU A 141 17.71 -4.92 -0.17
C GLU A 141 17.82 -4.38 -1.59
N GLN A 142 18.46 -5.13 -2.49
CA GLN A 142 18.61 -4.68 -3.87
C GLN A 142 17.61 -5.34 -4.82
N LEU A 143 16.71 -6.18 -4.30
CA LEU A 143 15.57 -6.64 -5.08
C LEU A 143 14.34 -5.76 -4.89
N VAL A 144 13.93 -5.54 -3.63
CA VAL A 144 12.67 -4.85 -3.38
C VAL A 144 12.61 -3.48 -4.04
N PRO A 145 13.69 -2.69 -4.09
CA PRO A 145 13.59 -1.37 -4.72
C PRO A 145 13.03 -1.41 -6.13
N PHE A 146 13.26 -2.47 -6.90
CA PHE A 146 12.71 -2.54 -8.25
C PHE A 146 11.20 -2.48 -8.25
N PRO A 147 10.48 -3.42 -7.64
CA PRO A 147 9.01 -3.32 -7.62
C PRO A 147 8.50 -2.08 -6.91
N ARG A 148 9.16 -1.63 -5.83
CA ARG A 148 8.65 -0.44 -5.16
C ARG A 148 8.75 0.79 -6.07
N PHE A 149 9.91 0.96 -6.72
CA PHE A 149 10.08 2.05 -7.67
C PHE A 149 9.07 1.97 -8.80
N PHE A 150 8.83 0.77 -9.32
CA PHE A 150 7.92 0.64 -10.44
C PHE A 150 6.48 0.91 -10.03
N ALA A 151 6.10 0.53 -8.82
CA ALA A 151 4.77 0.86 -8.31
C ALA A 151 4.61 2.37 -8.16
N SER A 152 5.59 3.02 -7.53
CA SER A 152 5.53 4.48 -7.38
C SER A 152 5.45 5.15 -8.74
N LEU A 153 6.25 4.69 -9.70
CA LEU A 153 6.19 5.19 -11.06
C LEU A 153 4.77 5.08 -11.57
N ALA A 154 4.27 3.85 -11.74
CA ALA A 154 2.89 3.65 -12.19
C ALA A 154 1.92 4.66 -11.57
N GLY A 155 2.01 4.86 -10.26
CA GLY A 155 1.11 5.81 -9.60
C GLY A 155 1.27 7.21 -10.13
N PHE A 156 2.51 7.68 -10.24
CA PHE A 156 2.74 9.06 -10.70
C PHE A 156 2.39 9.22 -12.18
N VAL A 157 2.65 8.20 -12.99
CA VAL A 157 2.28 8.26 -14.40
C VAL A 157 0.77 8.36 -14.52
N THR A 158 0.03 7.59 -13.72
CA THR A 158 -1.42 7.76 -13.66
C THR A 158 -1.76 9.21 -13.33
N ALA A 159 -1.31 9.68 -12.16
CA ALA A 159 -1.58 11.05 -11.74
C ALA A 159 -1.33 12.05 -12.87
N GLY A 160 -0.30 11.80 -13.67
CA GLY A 160 0.09 12.75 -14.70
C GLY A 160 -0.74 12.70 -15.96
N ILE A 161 -0.95 11.52 -16.54
CA ILE A 161 -1.53 11.43 -17.87
C ILE A 161 -2.84 10.63 -17.87
N THR A 162 -3.53 10.56 -16.74
CA THR A 162 -4.83 9.90 -16.75
C THR A 162 -5.92 10.83 -17.26
N LEU A 163 -5.84 12.12 -16.93
CA LEU A 163 -6.88 13.08 -17.29
C LEU A 163 -6.78 13.46 -18.77
N PRO A 164 -5.58 13.71 -19.31
CA PRO A 164 -5.47 13.95 -20.75
C PRO A 164 -6.08 12.85 -21.60
N PHE A 165 -5.90 11.58 -21.21
CA PHE A 165 -6.50 10.49 -21.97
C PHE A 165 -8.01 10.60 -21.97
N VAL A 166 -8.62 10.77 -20.79
CA VAL A 166 -10.07 10.84 -20.70
C VAL A 166 -10.61 12.04 -21.46
N SER A 167 -9.85 13.14 -21.49
CA SER A 167 -10.31 14.33 -22.20
C SER A 167 -10.21 14.11 -23.72
N TYR A 168 -9.14 13.47 -24.18
CA TYR A 168 -8.96 13.29 -25.62
C TYR A 168 -9.98 12.32 -26.19
N VAL A 169 -10.27 11.24 -25.47
CA VAL A 169 -11.18 10.19 -25.95
C VAL A 169 -12.56 10.51 -25.41
N GLY A 170 -13.42 11.04 -26.28
CA GLY A 170 -14.77 11.41 -25.87
C GLY A 170 -14.78 12.34 -24.68
N GLY A 171 -14.19 13.52 -24.83
CA GLY A 171 -14.08 14.44 -23.71
C GLY A 171 -15.41 14.85 -23.12
N ALA A 172 -16.47 14.80 -23.92
CA ALA A 172 -17.80 15.15 -23.41
C ALA A 172 -18.32 14.05 -22.48
N ASP A 173 -18.38 12.82 -22.98
CA ASP A 173 -18.81 11.68 -22.18
C ASP A 173 -17.62 11.19 -21.37
N ARG A 174 -17.47 11.72 -20.16
CA ARG A 174 -16.30 11.39 -19.34
C ARG A 174 -16.29 9.92 -18.97
N GLY A 175 -17.46 9.33 -18.71
CA GLY A 175 -17.51 7.92 -18.38
C GLY A 175 -16.92 7.05 -19.49
N PHE A 176 -17.18 7.42 -20.74
CA PHE A 176 -16.64 6.67 -21.86
C PHE A 176 -15.11 6.72 -21.87
N GLY A 177 -14.54 7.91 -21.72
CA GLY A 177 -13.09 8.01 -21.67
C GLY A 177 -12.50 7.24 -20.50
N PHE A 178 -13.17 7.27 -19.36
CA PHE A 178 -12.72 6.50 -18.20
C PHE A 178 -12.66 5.01 -18.53
N GLN A 179 -13.78 4.44 -19.00
CA GLN A 179 -13.80 3.01 -19.28
C GLN A 179 -12.90 2.64 -20.46
N MET A 180 -12.53 3.61 -21.31
CA MET A 180 -11.58 3.32 -22.37
C MET A 180 -10.15 3.25 -21.85
N PHE A 181 -9.73 4.27 -21.10
CA PHE A 181 -8.43 4.20 -20.44
C PHE A 181 -8.31 2.94 -19.59
N THR A 182 -9.44 2.48 -19.04
CA THR A 182 -9.43 1.20 -18.34
C THR A 182 -8.82 0.10 -19.21
N LEU A 183 -9.05 0.15 -20.52
CA LEU A 183 -8.49 -0.86 -21.40
C LEU A 183 -6.98 -0.79 -21.43
N VAL A 184 -6.42 0.42 -21.52
CA VAL A 184 -4.97 0.59 -21.45
C VAL A 184 -4.45 -0.02 -20.16
N LEU A 185 -5.10 0.32 -19.04
CA LEU A 185 -4.67 -0.19 -17.75
C LEU A 185 -4.70 -1.71 -17.72
N ILE A 186 -5.78 -2.30 -18.25
CA ILE A 186 -5.95 -3.75 -18.22
C ILE A 186 -4.89 -4.43 -19.08
N ALA A 187 -4.57 -3.84 -20.23
CA ALA A 187 -3.55 -4.40 -21.09
C ALA A 187 -2.20 -4.42 -20.38
N PHE A 188 -1.81 -3.28 -19.80
CA PHE A 188 -0.54 -3.24 -19.07
C PHE A 188 -0.54 -4.24 -17.92
N PHE A 189 -1.66 -4.33 -17.20
CA PHE A 189 -1.75 -5.21 -16.04
C PHE A 189 -1.56 -6.67 -16.45
N ILE A 190 -2.26 -7.10 -17.50
CA ILE A 190 -2.17 -8.50 -17.91
C ILE A 190 -0.79 -8.79 -18.48
N ALA A 191 -0.23 -7.86 -19.25
CA ALA A 191 1.12 -8.06 -19.77
C ALA A 191 2.12 -8.23 -18.63
N SER A 192 2.01 -7.38 -17.60
CA SER A 192 2.92 -7.48 -16.47
C SER A 192 2.72 -8.78 -15.71
N THR A 193 1.47 -9.20 -15.53
CA THR A 193 1.21 -10.47 -14.84
C THR A 193 1.83 -11.63 -15.60
N ILE A 194 1.68 -11.63 -16.93
CA ILE A 194 2.27 -12.73 -17.72
C ILE A 194 3.78 -12.71 -17.60
N VAL A 195 4.38 -11.52 -17.72
CA VAL A 195 5.83 -11.40 -17.62
C VAL A 195 6.32 -11.96 -16.28
N THR A 196 5.68 -11.53 -15.19
CA THR A 196 6.15 -11.96 -13.87
C THR A 196 5.91 -13.45 -13.65
N LEU A 197 4.78 -13.96 -14.14
CA LEU A 197 4.51 -15.39 -13.98
C LEU A 197 5.54 -16.23 -14.70
N ARG A 198 5.97 -15.79 -15.89
CA ARG A 198 6.93 -16.57 -16.66
C ARG A 198 8.34 -16.45 -16.09
N ASN A 199 8.77 -15.23 -15.79
CA ASN A 199 10.17 -14.98 -15.46
C ASN A 199 10.49 -15.21 -13.99
N VAL A 200 9.66 -14.73 -13.08
CA VAL A 200 9.92 -14.91 -11.66
C VAL A 200 9.77 -16.38 -11.31
N HIS A 201 10.83 -16.98 -10.80
CA HIS A 201 10.87 -18.40 -10.49
C HIS A 201 11.11 -18.55 -9.00
N GLU A 202 10.08 -19.01 -8.29
CA GLU A 202 10.12 -19.03 -6.83
C GLU A 202 11.08 -20.11 -6.34
N VAL A 203 11.94 -19.72 -5.40
CA VAL A 203 12.82 -20.64 -4.68
C VAL A 203 12.35 -20.70 -3.24
N TYR A 204 12.77 -21.75 -2.52
CA TYR A 204 12.42 -21.88 -1.11
C TYR A 204 10.92 -21.76 -0.88
N SER A 205 10.13 -22.21 -1.85
CA SER A 205 8.68 -22.06 -1.75
C SER A 205 8.13 -22.92 -0.61
N SER A 206 7.01 -22.47 -0.06
CA SER A 206 6.42 -23.17 1.08
C SER A 206 6.07 -24.61 0.73
N ASP A 207 5.43 -24.82 -0.43
CA ASP A 207 5.05 -26.15 -0.87
C ASP A 207 6.20 -26.93 -1.49
N ASN A 208 7.40 -26.37 -1.46
CA ASN A 208 8.57 -27.08 -1.93
C ASN A 208 8.79 -28.36 -1.10
N GLY A 209 9.49 -29.32 -1.71
CA GLY A 209 9.68 -30.61 -1.06
C GLY A 209 10.23 -30.51 0.35
N VAL A 210 11.03 -29.48 0.64
CA VAL A 210 11.65 -29.34 1.95
C VAL A 210 11.80 -27.88 2.33
N THR A 211 10.76 -27.31 2.94
CA THR A 211 10.83 -25.94 3.45
C THR A 211 10.07 -25.74 4.75
N ALA A 212 9.51 -26.78 5.36
CA ALA A 212 8.93 -26.74 6.70
C ALA A 212 7.58 -26.03 6.71
N GLY A 213 6.84 -26.09 5.61
CA GLY A 213 5.51 -25.51 5.53
C GLY A 213 4.45 -26.60 5.60
N ARG A 214 3.40 -26.34 6.40
CA ARG A 214 2.29 -27.28 6.51
C ARG A 214 1.13 -26.81 5.66
N PRO A 215 0.84 -27.45 4.52
CA PRO A 215 -0.29 -26.99 3.70
C PRO A 215 -1.64 -27.12 4.38
N HIS A 216 -1.83 -28.15 5.20
CA HIS A 216 -3.12 -28.40 5.85
C HIS A 216 -3.14 -27.67 7.18
N LEU A 217 -3.73 -26.47 7.20
CA LEU A 217 -3.82 -25.68 8.41
C LEU A 217 -5.21 -25.07 8.50
N THR A 218 -5.62 -24.77 9.73
CA THR A 218 -6.92 -24.16 9.98
C THR A 218 -6.80 -22.64 9.97
N LEU A 219 -7.95 -21.97 9.91
CA LEU A 219 -7.95 -20.52 9.97
C LEU A 219 -7.50 -20.03 11.33
N LYS A 220 -7.94 -20.69 12.40
CA LYS A 220 -7.52 -20.31 13.75
C LYS A 220 -6.02 -20.43 13.92
N THR A 221 -5.45 -21.57 13.53
CA THR A 221 -4.02 -21.78 13.67
C THR A 221 -3.24 -20.69 12.93
N ILE A 222 -3.58 -20.50 11.66
CA ILE A 222 -2.84 -19.54 10.84
C ILE A 222 -2.95 -18.13 11.43
N VAL A 223 -4.18 -17.66 11.70
CA VAL A 223 -4.33 -16.29 12.17
C VAL A 223 -3.64 -16.11 13.53
N GLY A 224 -3.71 -17.10 14.40
CA GLY A 224 -2.98 -17.02 15.66
C GLY A 224 -1.49 -17.05 15.50
N LEU A 225 -1.00 -17.59 14.37
CA LEU A 225 0.42 -17.49 14.06
C LEU A 225 0.91 -16.05 14.10
N ILE A 226 0.01 -15.07 13.87
CA ILE A 226 0.45 -13.68 13.84
C ILE A 226 0.88 -13.21 15.21
N TYR A 227 0.17 -13.63 16.26
CA TYR A 227 0.62 -13.29 17.61
C TYR A 227 1.70 -14.24 18.09
N LYS A 228 1.64 -15.51 17.70
CA LYS A 228 2.73 -16.44 18.02
C LYS A 228 4.04 -15.94 17.43
N ASN A 229 3.98 -15.33 16.25
CA ASN A 229 5.14 -14.68 15.62
C ASN A 229 5.22 -13.26 16.17
N ASP A 230 5.89 -13.11 17.30
CA ASP A 230 5.96 -11.80 17.96
C ASP A 230 6.50 -10.73 17.03
N GLN A 231 7.46 -11.10 16.17
CA GLN A 231 8.01 -10.12 15.23
C GLN A 231 6.98 -9.72 14.19
N LEU A 232 6.18 -10.67 13.70
CA LEU A 232 5.15 -10.33 12.74
C LEU A 232 4.10 -9.42 13.37
N SER A 233 3.77 -9.64 14.64
CA SER A 233 2.81 -8.76 15.31
C SER A 233 3.40 -7.38 15.55
N CYS A 234 4.69 -7.31 15.89
CA CYS A 234 5.35 -6.02 16.00
C CYS A 234 5.30 -5.27 14.68
N LEU A 235 5.59 -5.97 13.57
CA LEU A 235 5.49 -5.36 12.25
C LEU A 235 4.07 -4.90 11.98
N LEU A 236 3.08 -5.71 12.35
CA LEU A 236 1.69 -5.32 12.19
C LEU A 236 1.41 -3.99 12.87
N GLY A 237 1.79 -3.88 14.15
CA GLY A 237 1.55 -2.65 14.87
C GLY A 237 2.28 -1.46 14.27
N MET A 238 3.56 -1.65 13.91
CA MET A 238 4.33 -0.57 13.33
C MET A 238 3.71 -0.08 12.03
N ALA A 239 3.35 -1.02 11.15
CA ALA A 239 2.77 -0.65 9.87
C ALA A 239 1.41 0.00 10.06
N LEU A 240 0.62 -0.46 11.03
CA LEU A 240 -0.65 0.19 11.30
C LEU A 240 -0.46 1.63 11.74
N ALA A 241 0.48 1.86 12.67
CA ALA A 241 0.75 3.22 13.12
C ALA A 241 1.20 4.10 11.97
N TYR A 242 2.21 3.64 11.22
CA TYR A 242 2.72 4.42 10.10
C TYR A 242 1.63 4.69 9.08
N ASN A 243 0.73 3.73 8.86
CA ASN A 243 -0.30 3.90 7.85
C ASN A 243 -1.36 4.89 8.31
N ILE A 244 -1.75 4.83 9.58
CA ILE A 244 -2.69 5.82 10.10
C ILE A 244 -2.11 7.22 9.95
N ALA A 245 -0.83 7.39 10.32
CA ALA A 245 -0.19 8.70 10.22
C ALA A 245 -0.16 9.18 8.77
N SER A 246 0.30 8.32 7.86
CA SER A 246 0.42 8.73 6.47
C SER A 246 -0.95 9.01 5.84
N ASN A 247 -1.98 8.26 6.24
CA ASN A 247 -3.32 8.50 5.71
C ASN A 247 -3.87 9.83 6.21
N ILE A 248 -3.65 10.15 7.49
CA ILE A 248 -4.09 11.46 7.99
C ILE A 248 -3.37 12.57 7.24
N ILE A 249 -2.06 12.43 7.02
CA ILE A 249 -1.31 13.48 6.33
C ILE A 249 -1.79 13.61 4.89
N ASN A 250 -2.05 12.47 4.22
CA ASN A 250 -2.48 12.53 2.83
C ASN A 250 -3.88 13.10 2.71
N GLY A 251 -4.75 12.83 3.67
CA GLY A 251 -6.06 13.47 3.67
C GLY A 251 -5.97 14.96 3.90
N PHE A 252 -5.08 15.37 4.81
CA PHE A 252 -4.82 16.80 5.00
C PHE A 252 -4.35 17.44 3.69
N ALA A 253 -3.43 16.78 2.98
CA ALA A 253 -2.95 17.33 1.72
C ALA A 253 -4.05 17.38 0.67
N ILE A 254 -4.87 16.34 0.60
CA ILE A 254 -5.98 16.32 -0.36
C ILE A 254 -6.96 17.45 -0.06
N TYR A 255 -7.19 17.73 1.22
CA TYR A 255 -8.11 18.80 1.58
C TYR A 255 -7.51 20.17 1.30
N TYR A 256 -6.20 20.32 1.45
CA TYR A 256 -5.55 21.61 1.22
C TYR A 256 -5.23 21.85 -0.25
N PHE A 257 -5.34 20.85 -1.10
CA PHE A 257 -5.17 21.04 -2.54
C PHE A 257 -6.46 20.98 -3.32
N THR A 258 -7.47 20.25 -2.83
CA THR A 258 -8.71 20.06 -3.56
C THR A 258 -9.67 21.22 -3.34
N TYR A 259 -9.83 21.64 -2.08
CA TYR A 259 -10.82 22.63 -1.71
C TYR A 259 -10.22 24.01 -1.45
N VAL A 260 -9.23 24.09 -0.55
CA VAL A 260 -8.76 25.36 -0.01
C VAL A 260 -7.39 25.68 -0.58
N ILE A 261 -7.22 26.93 -1.04
CA ILE A 261 -5.92 27.49 -1.41
C ILE A 261 -5.08 26.49 -2.18
N GLY A 262 -5.73 25.68 -3.01
CA GLY A 262 -5.04 24.82 -3.95
C GLY A 262 -5.19 25.25 -5.40
N ASP A 263 -5.66 26.47 -5.65
CA ASP A 263 -5.92 26.97 -6.99
C ASP A 263 -4.83 27.90 -7.49
N ALA A 264 -3.64 27.83 -6.91
CA ALA A 264 -2.49 28.60 -7.36
C ALA A 264 -1.69 27.88 -8.43
N ASP A 265 -2.24 26.80 -9.00
CA ASP A 265 -1.50 25.94 -9.92
C ASP A 265 -0.21 25.45 -9.26
N LEU A 266 -0.26 25.23 -7.95
CA LEU A 266 0.89 24.74 -7.20
C LEU A 266 0.97 23.22 -7.20
N PHE A 267 -0.17 22.53 -7.33
CA PHE A 267 -0.16 21.08 -7.26
C PHE A 267 0.75 20.43 -8.30
N PRO A 268 0.88 20.92 -9.53
CA PRO A 268 1.78 20.25 -10.49
C PRO A 268 3.22 20.21 -10.01
N TYR A 269 3.76 21.35 -9.56
CA TYR A 269 5.13 21.37 -9.07
C TYR A 269 5.29 20.47 -7.85
N TYR A 270 4.31 20.51 -6.93
CA TYR A 270 4.37 19.66 -5.75
C TYR A 270 4.45 18.19 -6.13
N LEU A 271 3.55 17.76 -7.02
CA LEU A 271 3.54 16.36 -7.42
C LEU A 271 4.82 15.98 -8.14
N SER A 272 5.33 16.87 -9.00
CA SER A 272 6.56 16.59 -9.72
C SER A 272 7.72 16.38 -8.75
N TYR A 273 7.90 17.31 -7.81
CA TYR A 273 8.99 17.18 -6.86
C TYR A 273 8.80 15.98 -5.95
N ALA A 274 7.56 15.69 -5.56
CA ALA A 274 7.28 14.53 -4.74
C ALA A 274 7.68 13.24 -5.45
N GLY A 275 7.27 13.10 -6.72
CA GLY A 275 7.65 11.93 -7.47
C GLY A 275 9.15 11.83 -7.70
N ALA A 276 9.79 12.96 -7.98
CA ALA A 276 11.24 12.96 -8.12
C ALA A 276 11.90 12.46 -6.85
N ALA A 277 11.46 12.95 -5.70
CA ALA A 277 12.05 12.53 -4.43
C ALA A 277 11.83 11.04 -4.18
N ASN A 278 10.60 10.57 -4.39
CA ASN A 278 10.29 9.16 -4.14
C ASN A 278 11.11 8.26 -5.06
N LEU A 279 11.12 8.56 -6.36
CA LEU A 279 11.84 7.72 -7.30
C LEU A 279 13.34 7.75 -7.04
N LEU A 280 13.88 8.92 -6.68
CA LEU A 280 15.32 9.00 -6.44
C LEU A 280 15.73 8.29 -5.16
N THR A 281 14.90 8.38 -4.12
CA THR A 281 15.21 7.68 -2.88
C THR A 281 15.06 6.17 -3.04
N LEU A 282 14.16 5.73 -3.92
CA LEU A 282 14.05 4.30 -4.19
C LEU A 282 15.22 3.81 -5.02
N ILE A 283 15.65 4.61 -6.01
CA ILE A 283 16.74 4.20 -6.88
C ILE A 283 18.02 3.98 -6.07
N VAL A 284 18.33 4.88 -5.15
CA VAL A 284 19.58 4.87 -4.43
C VAL A 284 19.46 4.15 -3.08
N PHE A 285 18.38 3.38 -2.91
CA PHE A 285 18.20 2.67 -1.66
C PHE A 285 19.23 1.57 -1.48
N PRO A 286 19.55 0.78 -2.53
CA PRO A 286 20.58 -0.25 -2.37
C PRO A 286 21.89 0.29 -1.82
N ARG A 287 22.19 1.56 -2.08
CA ARG A 287 23.41 2.17 -1.58
C ARG A 287 23.20 2.85 -0.22
N LEU A 288 22.02 3.41 0.02
CA LEU A 288 21.74 4.03 1.31
C LEU A 288 21.70 2.99 2.42
N VAL A 289 21.13 1.81 2.15
CA VAL A 289 21.01 0.79 3.17
C VAL A 289 22.38 0.35 3.67
N LYS A 290 23.40 0.46 2.82
CA LYS A 290 24.75 0.06 3.19
C LYS A 290 25.56 1.22 3.77
N MET A 291 25.50 2.39 3.13
CA MET A 291 26.15 3.58 3.70
C MET A 291 25.66 3.82 5.11
N LEU A 292 24.35 3.84 5.31
CA LEU A 292 23.74 3.92 6.62
C LEU A 292 23.32 2.51 7.04
N SER A 293 22.53 2.43 8.11
CA SER A 293 22.04 1.15 8.60
C SER A 293 20.63 0.91 8.09
N ARG A 294 20.07 -0.25 8.44
CA ARG A 294 18.64 -0.49 8.24
C ARG A 294 17.83 0.22 9.32
N ARG A 295 18.26 0.10 10.57
CA ARG A 295 17.62 0.80 11.67
C ARG A 295 17.61 2.30 11.43
N ILE A 296 18.74 2.83 10.94
CA ILE A 296 18.84 4.26 10.66
C ILE A 296 17.83 4.65 9.57
N LEU A 297 17.71 3.82 8.53
CA LEU A 297 16.82 4.15 7.44
C LEU A 297 15.36 4.08 7.88
N TRP A 298 15.01 3.17 8.80
CA TRP A 298 13.65 3.13 9.31
C TRP A 298 13.36 4.37 10.16
N ALA A 299 14.30 4.72 11.05
CA ALA A 299 14.15 5.96 11.81
C ALA A 299 13.92 7.13 10.87
N GLY A 300 14.69 7.20 9.79
CA GLY A 300 14.51 8.28 8.84
C GLY A 300 13.15 8.23 8.15
N ALA A 301 12.70 7.01 7.80
CA ALA A 301 11.40 6.87 7.17
C ALA A 301 10.30 7.44 8.06
N SER A 302 10.40 7.22 9.37
CA SER A 302 9.38 7.74 10.28
C SER A 302 9.63 9.19 10.70
N VAL A 303 10.85 9.71 10.51
CA VAL A 303 11.17 11.05 10.98
C VAL A 303 10.99 12.10 9.89
N MET A 304 11.31 11.77 8.64
CA MET A 304 11.17 12.74 7.55
C MET A 304 9.73 13.27 7.45
N PRO A 305 8.69 12.43 7.43
CA PRO A 305 7.34 12.98 7.46
C PRO A 305 7.06 13.75 8.74
N VAL A 306 7.73 13.42 9.84
CA VAL A 306 7.57 14.20 11.06
C VAL A 306 8.15 15.61 10.88
N LEU A 307 9.28 15.71 10.19
CA LEU A 307 9.83 17.03 9.87
C LEU A 307 8.91 17.79 8.94
N SER A 308 8.29 17.09 7.97
CA SER A 308 7.31 17.74 7.11
C SER A 308 6.13 18.25 7.92
N CYS A 309 5.69 17.46 8.90
CA CYS A 309 4.60 17.89 9.77
C CYS A 309 4.98 19.12 10.58
N ALA A 310 6.20 19.13 11.14
CA ALA A 310 6.66 20.30 11.87
C ALA A 310 6.71 21.52 10.97
N GLY A 311 7.18 21.35 9.73
CA GLY A 311 7.23 22.47 8.81
C GLY A 311 5.86 23.03 8.50
N LEU A 312 4.93 22.16 8.12
CA LEU A 312 3.57 22.64 7.83
C LEU A 312 2.87 23.13 9.08
N PHE A 313 3.31 22.70 10.27
CA PHE A 313 2.78 23.26 11.51
C PHE A 313 3.24 24.71 11.68
N ALA A 314 4.55 24.93 11.55
CA ALA A 314 5.06 26.30 11.53
C ALA A 314 4.34 27.13 10.49
N MET A 315 4.02 26.52 9.35
CA MET A 315 3.29 27.22 8.30
C MET A 315 1.90 27.62 8.78
N ALA A 316 1.08 26.65 9.16
CA ALA A 316 -0.28 26.93 9.62
C ALA A 316 -0.30 27.91 10.77
N LEU A 317 0.80 28.03 11.53
CA LEU A 317 0.83 29.03 12.59
C LEU A 317 1.23 30.41 12.08
N ALA A 318 2.19 30.49 11.16
CA ALA A 318 2.69 31.76 10.67
C ALA A 318 1.98 32.21 9.39
N ASP A 319 2.13 31.43 8.32
CA ASP A 319 1.59 31.79 7.01
C ASP A 319 0.72 30.65 6.50
N ILE A 320 -0.54 30.98 6.16
CA ILE A 320 -1.47 29.97 5.66
C ILE A 320 -0.96 29.29 4.40
N HIS A 321 -0.02 29.93 3.70
CA HIS A 321 0.45 29.38 2.43
C HIS A 321 1.88 29.82 2.17
N ASN A 322 2.69 28.88 1.67
CA ASN A 322 4.05 29.16 1.23
C ASN A 322 4.50 27.97 0.38
N ALA A 323 4.63 28.18 -0.93
CA ALA A 323 4.85 27.05 -1.84
C ALA A 323 6.13 26.29 -1.49
N ALA A 324 7.18 27.00 -1.11
CA ALA A 324 8.45 26.33 -0.80
C ALA A 324 8.27 25.30 0.31
N LEU A 325 7.66 25.72 1.42
CA LEU A 325 7.43 24.79 2.52
C LEU A 325 6.54 23.64 2.09
N ILE A 326 5.58 23.91 1.21
CA ILE A 326 4.67 22.86 0.76
C ILE A 326 5.43 21.78 0.01
N VAL A 327 6.22 22.18 -0.99
CA VAL A 327 6.96 21.18 -1.77
C VAL A 327 8.01 20.51 -0.90
N ALA A 328 8.59 21.23 0.06
CA ALA A 328 9.55 20.61 0.96
C ALA A 328 8.90 19.51 1.79
N ALA A 329 7.73 19.80 2.34
CA ALA A 329 7.00 18.80 3.11
C ALA A 329 6.62 17.62 2.23
N GLY A 330 6.22 17.89 0.98
CA GLY A 330 5.91 16.80 0.07
C GLY A 330 7.12 15.90 -0.17
N ILE A 331 8.28 16.53 -0.40
CA ILE A 331 9.51 15.77 -0.62
C ILE A 331 9.83 14.90 0.59
N PHE A 332 9.73 15.49 1.79
CA PHE A 332 10.02 14.75 3.00
C PHE A 332 9.08 13.56 3.16
N LEU A 333 7.78 13.81 3.01
CA LEU A 333 6.80 12.72 3.11
C LEU A 333 7.10 11.62 2.11
N ASN A 334 7.46 11.99 0.88
CA ASN A 334 7.66 10.99 -0.16
C ASN A 334 8.90 10.14 0.12
N ILE A 335 9.99 10.79 0.55
CA ILE A 335 11.18 10.02 0.91
C ILE A 335 10.88 9.06 2.05
N GLY A 336 10.15 9.56 3.07
CA GLY A 336 9.79 8.70 4.18
C GLY A 336 8.98 7.49 3.73
N THR A 337 7.97 7.72 2.88
CA THR A 337 7.13 6.62 2.44
C THR A 337 7.91 5.62 1.60
N ALA A 338 8.82 6.10 0.75
CA ALA A 338 9.63 5.18 -0.04
C ALA A 338 10.46 4.28 0.85
N LEU A 339 11.23 4.88 1.76
CA LEU A 339 12.02 4.09 2.70
C LEU A 339 11.14 3.10 3.45
N PHE A 340 9.99 3.59 3.94
CA PHE A 340 9.11 2.73 4.73
C PHE A 340 8.63 1.53 3.92
N TRP A 341 8.19 1.75 2.68
CA TRP A 341 7.65 0.66 1.89
C TRP A 341 8.72 -0.38 1.59
N VAL A 342 9.89 0.07 1.14
CA VAL A 342 10.96 -0.89 0.83
C VAL A 342 11.29 -1.71 2.07
N LEU A 343 11.55 -1.03 3.19
CA LEU A 343 11.89 -1.73 4.42
C LEU A 343 10.76 -2.64 4.89
N GLN A 344 9.50 -2.24 4.65
CA GLN A 344 8.37 -3.02 5.14
C GLN A 344 8.24 -4.33 4.37
N VAL A 345 8.44 -4.29 3.05
CA VAL A 345 8.44 -5.52 2.29
C VAL A 345 9.59 -6.43 2.72
N ILE A 346 10.81 -5.86 2.79
CA ILE A 346 11.94 -6.67 3.23
C ILE A 346 11.68 -7.24 4.62
N MET A 347 10.95 -6.51 5.46
CA MET A 347 10.76 -6.93 6.84
C MET A 347 9.68 -8.00 6.96
N VAL A 348 8.62 -7.92 6.16
CA VAL A 348 7.67 -9.04 6.16
C VAL A 348 8.35 -10.30 5.66
N ALA A 349 9.29 -10.16 4.71
CA ALA A 349 10.09 -11.32 4.32
C ALA A 349 10.91 -11.84 5.50
N ASP A 350 11.60 -10.94 6.19
CA ASP A 350 12.37 -11.32 7.37
C ASP A 350 11.49 -12.00 8.41
N THR A 351 10.23 -11.57 8.52
CA THR A 351 9.34 -12.14 9.53
C THR A 351 8.86 -13.52 9.14
N VAL A 352 8.59 -13.76 7.86
CA VAL A 352 8.25 -15.13 7.47
C VAL A 352 9.44 -16.06 7.72
N ASP A 353 10.65 -15.55 7.48
CA ASP A 353 11.84 -16.35 7.76
C ASP A 353 11.99 -16.63 9.26
N TYR A 354 11.79 -15.61 10.09
CA TYR A 354 11.87 -15.79 11.54
C TYR A 354 10.74 -16.68 12.05
N GLY A 355 9.61 -16.72 11.33
CA GLY A 355 8.54 -17.63 11.71
C GLY A 355 8.91 -19.07 11.42
N GLU A 356 9.48 -19.33 10.25
CA GLU A 356 10.03 -20.67 10.01
C GLU A 356 11.11 -21.00 11.03
N PHE A 357 11.87 -20.00 11.48
CA PHE A 357 12.96 -20.23 12.41
C PHE A 357 12.43 -20.62 13.79
N LYS A 358 11.50 -19.86 14.33
CA LYS A 358 11.00 -20.09 15.68
C LYS A 358 9.89 -21.14 15.72
N LEU A 359 8.76 -20.84 15.08
CA LEU A 359 7.61 -21.72 15.14
C LEU A 359 7.76 -22.98 14.31
N ASN A 360 8.75 -23.05 13.41
CA ASN A 360 8.94 -24.19 12.54
C ASN A 360 7.82 -24.30 11.51
N ILE A 361 7.40 -23.16 10.97
CA ILE A 361 6.34 -23.10 9.97
C ILE A 361 6.67 -21.97 9.01
N ARG A 362 6.68 -22.27 7.71
CA ARG A 362 6.92 -21.28 6.68
C ARG A 362 5.59 -20.86 6.06
N CYS A 363 5.21 -19.59 6.24
CA CYS A 363 3.94 -19.09 5.73
C CYS A 363 4.14 -17.64 5.31
N GLU A 364 4.34 -17.43 4.00
CA GLU A 364 4.48 -16.07 3.47
C GLU A 364 3.12 -15.41 3.29
N SER A 365 2.13 -16.19 2.85
CA SER A 365 0.82 -15.64 2.56
C SER A 365 0.25 -14.91 3.77
N ILE A 366 0.51 -15.43 4.99
CA ILE A 366 -0.06 -14.80 6.17
C ILE A 366 0.63 -13.47 6.48
N ALA A 367 1.96 -13.43 6.39
CA ALA A 367 2.65 -12.18 6.66
C ALA A 367 2.22 -11.09 5.68
N TYR A 368 2.08 -11.44 4.40
CA TYR A 368 1.68 -10.43 3.44
C TYR A 368 0.18 -10.14 3.51
N SER A 369 -0.62 -11.08 4.01
CA SER A 369 -2.01 -10.76 4.35
C SER A 369 -2.05 -9.73 5.46
N VAL A 370 -1.17 -9.88 6.46
CA VAL A 370 -1.04 -8.85 7.49
C VAL A 370 -0.68 -7.52 6.85
N GLN A 371 0.28 -7.53 5.93
CA GLN A 371 0.65 -6.32 5.22
C GLN A 371 -0.57 -5.65 4.59
N THR A 372 -1.34 -6.42 3.81
CA THR A 372 -2.47 -5.84 3.08
C THR A 372 -3.58 -5.37 4.02
N MET A 373 -3.94 -6.22 5.00
CA MET A 373 -5.00 -5.84 5.92
C MET A 373 -4.60 -4.63 6.75
N VAL A 374 -3.30 -4.46 7.03
CA VAL A 374 -2.85 -3.28 7.74
C VAL A 374 -2.93 -2.07 6.82
N VAL A 375 -2.61 -2.24 5.53
CA VAL A 375 -2.77 -1.15 4.58
C VAL A 375 -4.21 -0.66 4.57
N LYS A 376 -5.17 -1.58 4.65
CA LYS A 376 -6.58 -1.19 4.65
C LYS A 376 -6.99 -0.57 5.99
N GLY A 377 -6.76 -1.31 7.08
CA GLY A 377 -7.09 -0.81 8.41
C GLY A 377 -6.42 0.50 8.75
N GLY A 378 -5.32 0.85 8.08
CA GLY A 378 -4.72 2.16 8.31
C GLY A 378 -5.64 3.28 7.88
N SER A 379 -6.14 3.20 6.64
CA SER A 379 -7.14 4.17 6.19
C SER A 379 -8.37 4.12 7.07
N ALA A 380 -8.84 2.91 7.40
CA ALA A 380 -10.03 2.78 8.24
C ALA A 380 -9.86 3.51 9.57
N PHE A 381 -8.74 3.24 10.27
CA PHE A 381 -8.53 3.82 11.58
C PHE A 381 -8.20 5.31 11.48
N ALA A 382 -7.59 5.75 10.39
CA ALA A 382 -7.38 7.18 10.19
C ALA A 382 -8.73 7.89 10.11
N ALA A 383 -9.65 7.34 9.32
CA ALA A 383 -11.00 7.88 9.27
C ALA A 383 -11.65 7.85 10.66
N PHE A 384 -11.49 6.74 11.37
CA PHE A 384 -12.11 6.61 12.69
C PHE A 384 -11.57 7.68 13.64
N PHE A 385 -10.25 7.86 13.69
CA PHE A 385 -9.66 8.80 14.61
C PHE A 385 -9.99 10.24 14.22
N ILE A 386 -10.05 10.51 12.91
CA ILE A 386 -10.43 11.84 12.47
C ILE A 386 -11.87 12.15 12.89
N ALA A 387 -12.77 11.19 12.71
CA ALA A 387 -14.16 11.38 13.13
C ALA A 387 -14.23 11.54 14.64
N LEU A 388 -13.42 10.78 15.38
CA LEU A 388 -13.38 10.92 16.83
C LEU A 388 -12.98 12.32 17.23
N VAL A 389 -11.88 12.83 16.64
CA VAL A 389 -11.39 14.15 16.97
C VAL A 389 -12.41 15.20 16.59
N LEU A 390 -13.08 15.02 15.45
CA LEU A 390 -14.08 16.00 15.01
C LEU A 390 -15.27 16.05 15.95
N GLY A 391 -15.81 14.88 16.30
CA GLY A 391 -16.90 14.84 17.26
C GLY A 391 -16.51 15.38 18.61
N LEU A 392 -15.23 15.21 19.00
CA LEU A 392 -14.78 15.72 20.28
C LEU A 392 -14.69 17.23 20.28
N ILE A 393 -14.06 17.81 19.25
CA ILE A 393 -13.93 19.26 19.19
C ILE A 393 -15.27 19.94 18.95
N GLY A 394 -16.26 19.21 18.45
CA GLY A 394 -17.57 19.75 18.19
C GLY A 394 -17.93 19.92 16.73
N TYR A 395 -17.19 19.31 15.81
CA TYR A 395 -17.46 19.41 14.38
C TYR A 395 -18.54 18.43 13.92
N THR A 396 -19.33 17.88 14.84
CA THR A 396 -20.34 16.89 14.48
C THR A 396 -21.49 17.48 13.65
N PRO A 397 -21.80 18.78 13.74
CA PRO A 397 -22.85 19.31 12.86
C PRO A 397 -22.35 19.62 11.46
N ASN A 398 -21.16 20.20 11.35
CA ASN A 398 -20.58 20.58 10.07
C ASN A 398 -21.51 21.52 9.31
N VAL A 399 -21.91 22.61 9.97
CA VAL A 399 -22.81 23.60 9.40
C VAL A 399 -22.22 24.99 9.61
N ALA A 400 -21.54 25.19 10.74
CA ALA A 400 -20.89 26.45 11.05
C ALA A 400 -19.96 26.23 12.24
N GLN A 401 -18.76 26.84 12.17
CA GLN A 401 -17.76 26.62 13.20
C GLN A 401 -16.90 27.88 13.35
N SER A 402 -16.35 28.04 14.55
CA SER A 402 -15.49 29.18 14.85
C SER A 402 -14.14 29.04 14.14
N ALA A 403 -13.64 30.16 13.62
CA ALA A 403 -12.34 30.13 12.96
C ALA A 403 -11.27 29.57 13.88
N GLN A 404 -11.31 29.93 15.17
CA GLN A 404 -10.36 29.38 16.12
C GLN A 404 -10.55 27.88 16.27
N THR A 405 -11.80 27.42 16.23
CA THR A 405 -12.06 25.98 16.25
C THR A 405 -11.41 25.30 15.03
N LEU A 406 -11.48 25.95 13.87
CA LEU A 406 -10.86 25.40 12.68
C LEU A 406 -9.35 25.35 12.81
N GLN A 407 -8.74 26.40 13.37
CA GLN A 407 -7.30 26.39 13.56
C GLN A 407 -6.89 25.28 14.53
N GLY A 408 -7.67 25.09 15.60
CA GLY A 408 -7.37 24.00 16.51
C GLY A 408 -7.52 22.64 15.87
N MET A 409 -8.55 22.48 15.02
CA MET A 409 -8.70 21.24 14.28
C MET A 409 -7.49 20.98 13.39
N GLN A 410 -7.05 22.01 12.67
CA GLN A 410 -5.83 21.93 11.88
C GLN A 410 -4.66 21.44 12.72
N PHE A 411 -4.45 22.08 13.87
CA PHE A 411 -3.29 21.76 14.70
C PHE A 411 -3.37 20.32 15.20
N ILE A 412 -4.56 19.86 15.56
CA ILE A 412 -4.71 18.48 16.02
C ILE A 412 -4.44 17.51 14.88
N MET A 413 -4.91 17.84 13.68
CA MET A 413 -4.65 16.99 12.53
C MET A 413 -3.16 16.93 12.21
N ILE A 414 -2.43 18.00 12.52
CA ILE A 414 -0.99 17.99 12.31
C ILE A 414 -0.29 17.20 13.40
N VAL A 415 -0.82 17.23 14.63
CA VAL A 415 -0.11 16.63 15.76
C VAL A 415 -0.39 15.14 15.92
N LEU A 416 -1.53 14.65 15.46
CA LEU A 416 -1.84 13.23 15.64
C LEU A 416 -0.88 12.36 14.82
N PRO A 417 -0.63 12.72 13.55
CA PRO A 417 0.30 11.89 12.76
C PRO A 417 1.68 11.76 13.39
N VAL A 418 2.19 12.80 14.03
CA VAL A 418 3.50 12.69 14.66
C VAL A 418 3.43 11.78 15.87
N LEU A 419 2.29 11.76 16.57
CA LEU A 419 2.10 10.77 17.63
C LEU A 419 2.20 9.36 17.08
N PHE A 420 1.55 9.11 15.94
CA PHE A 420 1.58 7.76 15.37
C PHE A 420 2.98 7.40 14.86
N PHE A 421 3.71 8.37 14.30
CA PHE A 421 5.07 8.11 13.86
C PHE A 421 5.98 7.79 15.05
N MET A 422 5.85 8.56 16.14
CA MET A 422 6.60 8.24 17.34
C MET A 422 6.27 6.83 17.82
N MET A 423 4.99 6.46 17.78
CA MET A 423 4.60 5.11 18.18
C MET A 423 5.29 4.07 17.32
N THR A 424 5.24 4.24 16.00
CA THR A 424 5.83 3.23 15.12
C THR A 424 7.33 3.12 15.33
N LEU A 425 8.02 4.25 15.47
CA LEU A 425 9.48 4.19 15.58
C LEU A 425 9.93 3.68 16.95
N VAL A 426 9.24 4.07 18.03
CA VAL A 426 9.62 3.56 19.35
C VAL A 426 9.31 2.07 19.45
N LEU A 427 8.16 1.65 18.91
CA LEU A 427 7.84 0.22 18.91
C LEU A 427 8.90 -0.56 18.14
N TYR A 428 9.31 -0.06 16.97
CA TYR A 428 10.39 -0.69 16.22
C TYR A 428 11.65 -0.79 17.06
N PHE A 429 12.06 0.32 17.69
CA PHE A 429 13.34 0.33 18.37
C PHE A 429 13.33 -0.45 19.67
N ARG A 430 12.16 -0.72 20.25
CA ARG A 430 12.11 -1.40 21.54
C ARG A 430 11.71 -2.87 21.44
N TYR A 431 11.06 -3.30 20.37
CA TYR A 431 10.62 -4.70 20.28
C TYR A 431 11.09 -5.43 19.04
N TYR A 432 11.60 -4.75 18.02
CA TYR A 432 12.02 -5.41 16.78
C TYR A 432 13.48 -5.83 16.91
N ARG A 433 13.77 -7.09 16.55
CA ARG A 433 15.10 -7.65 16.70
C ARG A 433 15.66 -8.30 15.43
N LEU A 434 14.88 -8.40 14.35
CA LEU A 434 15.34 -9.05 13.13
C LEU A 434 16.23 -8.09 12.34
N ASN A 435 17.48 -8.01 12.79
CA ASN A 435 18.48 -7.21 12.10
C ASN A 435 19.86 -7.78 12.41
N GLY A 436 20.80 -7.51 11.53
CA GLY A 436 22.19 -7.81 11.80
C GLY A 436 22.43 -9.28 12.08
N ASP A 437 23.02 -9.57 13.24
CA ASP A 437 23.38 -10.96 13.56
C ASP A 437 22.16 -11.86 13.54
N MET A 438 21.01 -11.36 14.00
CA MET A 438 19.83 -12.20 14.05
C MET A 438 19.42 -12.67 12.65
N LEU A 439 19.44 -11.75 11.68
CA LEU A 439 19.09 -12.14 10.32
C LEU A 439 20.01 -13.22 9.79
N ARG A 440 21.32 -13.07 10.00
CA ARG A 440 22.26 -14.08 9.53
C ARG A 440 22.06 -15.40 10.26
N LYS A 441 21.76 -15.35 11.56
CA LYS A 441 21.50 -16.57 12.31
C LYS A 441 20.32 -17.32 11.71
N ILE A 442 19.23 -16.60 11.46
CA ILE A 442 18.05 -17.22 10.87
C ILE A 442 18.38 -17.76 9.49
N GLN A 443 19.17 -17.02 8.71
CA GLN A 443 19.55 -17.47 7.38
C GLN A 443 20.29 -18.79 7.44
N ILE A 444 21.32 -18.86 8.28
CA ILE A 444 22.12 -20.08 8.39
C ILE A 444 21.25 -21.23 8.88
N HIS A 445 20.42 -20.95 9.90
CA HIS A 445 19.55 -21.99 10.43
C HIS A 445 18.64 -22.55 9.36
N LEU A 446 18.09 -21.69 8.51
CA LEU A 446 17.20 -22.16 7.46
C LEU A 446 17.96 -22.90 6.36
N LEU A 447 19.05 -22.33 5.88
CA LEU A 447 19.88 -23.01 4.89
C LEU A 447 20.22 -24.42 5.35
N ASP A 448 20.54 -24.58 6.63
CA ASP A 448 20.88 -25.91 7.14
C ASP A 448 19.63 -26.79 7.26
N LYS A 449 18.51 -26.21 7.71
CA LYS A 449 17.31 -27.02 7.93
C LYS A 449 16.73 -27.56 6.62
N TYR A 450 17.11 -27.00 5.48
CA TYR A 450 16.64 -27.51 4.19
C TYR A 450 17.43 -28.77 3.86
N ARG A 451 16.98 -29.89 4.43
CA ARG A 451 17.60 -31.18 4.21
C ARG A 451 16.51 -32.23 4.14
N LYS A 452 16.39 -32.89 2.98
CA LYS A 452 15.39 -33.94 2.81
C LYS A 452 15.66 -35.07 3.80
N THR A 453 14.59 -35.64 4.35
CA THR A 453 14.63 -36.76 5.30
C THR A 453 16.04 -37.15 5.76
OH2 1PE B . 17.60 9.81 8.01
C12 1PE B . 17.89 10.50 9.20
C22 1PE B . 17.21 9.78 10.37
OH3 1PE B . 18.10 9.70 11.45
C13 1PE B . 18.60 8.71 13.56
C23 1PE B . 17.51 9.27 12.64
OH4 1PE B . 18.21 7.44 14.04
C14 1PE B . 18.80 5.38 15.12
C24 1PE B . 19.16 6.84 14.88
OH5 1PE B . 19.95 4.65 15.43
C15 1PE B . 20.79 2.59 16.35
C25 1PE B . 19.75 3.27 15.46
OH6 1PE B . 21.55 1.70 15.58
C16 1PE B . 23.43 1.30 14.15
C26 1PE B . 22.78 2.23 15.19
OH7 1PE B . 22.45 0.70 13.36
HO2 1PE B . 16.86 10.06 7.71
H121 1PE B . 17.54 11.40 9.14
H122 1PE B . 18.84 10.52 9.35
H221 1PE B . 16.95 8.88 10.09
H222 1PE B . 16.42 10.27 10.65
H131 1PE B . 18.73 9.30 14.31
H132 1PE B . 19.43 8.61 13.06
H231 1PE B . 16.85 8.58 12.46
H232 1PE B . 17.07 10.02 13.08
H141 1PE B . 18.39 5.01 14.32
H142 1PE B . 18.17 5.32 15.86
H241 1PE B . 19.18 7.31 15.73
H242 1PE B . 20.04 6.89 14.46
H151 1PE B . 20.34 2.11 17.06
H152 1PE B . 21.37 3.26 16.74
H251 1PE B . 19.83 2.92 14.56
H252 1PE B . 18.87 3.08 15.80
H161 1PE B . 23.94 0.62 14.62
H162 1PE B . 24.03 1.82 13.59
H261 1PE B . 23.36 2.31 15.95
H262 1PE B . 22.65 3.10 14.79
HO7 1PE B . 21.68 0.98 13.60
#